data_3R89
#
_entry.id   3R89
#
_cell.length_a   39.507
_cell.length_b   108.848
_cell.length_c   138.171
_cell.angle_alpha   90.000
_cell.angle_beta   90.000
_cell.angle_gamma   90.000
#
_symmetry.space_group_name_H-M   'P 21 21 21'
#
loop_
_entity.id
_entity.type
_entity.pdbx_description
1 polymer "Orotidine 5'-phosphate decarboxylase"
2 water water
#
_entity_poly.entity_id   1
_entity_poly.type   'polypeptide(L)'
_entity_poly.pdbx_seq_one_letter_code
;SNA(MSE)KIIDKLYEKVSKNGFVCIGLDSSIDYIPEN(MSE)KAGKSVSEALFSYNKEIIDQTYDVCAIYKLQIAYYES
YGIEG(MSE)IAYRDTLSYLREKDLLSIGDVKRSDIAASAK(MSE)YAKAHFEGDFETDFITLNPY(MSE)G(MSE)DSI
EPYEEYIEKGDKGVFVLLRTSNPGAKDFEVLPVDGEEFFYKVGDK(MSE)RELNEKYIGKSGFGPIGLVVGATHSEEVEK
IRKRYDK(MSE)FFLIPGFGAQKADS(MSE)NVYKLLEGLNGGVVNSSRAILKNWQNYEDGSEKVGYYARKKAIETYEEI
KANEVL
;
_entity_poly.pdbx_strand_id   A,B
#
# COMPACT_ATOMS: atom_id res chain seq x y z
N SER A 1 32.26 -6.21 17.78
CA SER A 1 31.71 -7.58 17.45
C SER A 1 30.24 -7.55 16.99
N ASN A 2 29.29 -7.33 17.91
CA ASN A 2 27.82 -7.39 17.62
C ASN A 2 27.44 -6.52 16.42
N ALA A 3 26.59 -7.05 15.53
CA ALA A 3 26.22 -6.36 14.28
C ALA A 3 25.58 -5.01 14.58
N LYS A 5 24.57 -2.58 11.59
CA LYS A 5 23.60 -2.39 10.49
C LYS A 5 22.43 -3.40 10.57
N ILE A 6 21.20 -2.95 10.29
CA ILE A 6 20.03 -3.85 10.41
C ILE A 6 20.14 -5.08 9.50
N ILE A 7 20.73 -4.95 8.32
CA ILE A 7 20.90 -6.12 7.45
C ILE A 7 21.85 -7.14 8.09
N ASP A 8 22.86 -6.65 8.80
CA ASP A 8 23.80 -7.52 9.47
C ASP A 8 23.13 -8.17 10.64
N LYS A 9 22.25 -7.43 11.32
CA LYS A 9 21.48 -8.03 12.42
C LYS A 9 20.59 -9.16 11.92
N LEU A 10 19.96 -8.95 10.77
CA LEU A 10 19.11 -9.99 10.20
C LEU A 10 19.96 -11.20 9.79
N TYR A 11 21.11 -10.96 9.15
CA TYR A 11 22.01 -12.06 8.78
C TYR A 11 22.39 -12.87 10.01
N GLU A 12 22.74 -12.15 11.09
N GLU A 12 22.70 -12.20 11.11
CA GLU A 12 23.05 -12.71 12.43
CA GLU A 12 23.09 -12.92 12.32
C GLU A 12 21.91 -13.61 12.90
C GLU A 12 21.90 -13.65 12.96
N LYS A 13 20.69 -13.07 12.88
CA LYS A 13 19.47 -13.75 13.36
C LYS A 13 19.21 -15.02 12.56
N VAL A 14 19.43 -14.94 11.24
CA VAL A 14 19.23 -16.13 10.38
C VAL A 14 20.29 -17.22 10.68
N SER A 15 21.52 -16.79 10.89
CA SER A 15 22.59 -17.69 11.27
C SER A 15 22.25 -18.39 12.61
N LYS A 16 21.72 -17.64 13.58
CA LYS A 16 21.47 -18.23 14.90
C LYS A 16 20.16 -19.00 15.01
N ASN A 17 19.10 -18.45 14.42
CA ASN A 17 17.75 -18.99 14.60
C ASN A 17 17.20 -19.72 13.37
N GLY A 18 17.92 -19.68 12.26
CA GLY A 18 17.43 -20.22 10.99
C GLY A 18 16.66 -19.19 10.17
N PHE A 19 16.22 -19.60 8.97
CA PHE A 19 15.72 -18.66 7.95
C PHE A 19 14.19 -18.52 7.97
N VAL A 20 13.53 -19.10 8.95
CA VAL A 20 12.06 -18.92 9.05
C VAL A 20 11.63 -17.51 9.48
N CYS A 21 10.65 -16.98 8.75
CA CYS A 21 9.97 -15.74 9.02
C CYS A 21 8.57 -16.13 9.42
N ILE A 22 8.17 -15.80 10.64
CA ILE A 22 6.80 -16.11 11.12
C ILE A 22 5.85 -14.97 10.77
N GLY A 23 4.79 -15.29 10.04
CA GLY A 23 3.88 -14.24 9.55
C GLY A 23 2.71 -14.11 10.51
N LEU A 24 2.71 -13.06 11.35
CA LEU A 24 1.58 -12.77 12.25
C LEU A 24 0.44 -12.06 11.50
N ASP A 25 -0.17 -12.77 10.57
CA ASP A 25 -1.22 -12.23 9.70
C ASP A 25 -2.51 -12.61 10.44
N SER A 26 -2.70 -12.01 11.61
CA SER A 26 -3.63 -12.61 12.57
C SER A 26 -5.10 -12.27 12.31
N SER A 27 -5.95 -13.25 12.57
CA SER A 27 -7.38 -13.11 12.47
C SER A 27 -7.99 -13.61 13.77
N ILE A 28 -9.08 -12.95 14.17
CA ILE A 28 -9.91 -13.39 15.30
C ILE A 28 -10.38 -14.83 15.04
N ASP A 29 -10.57 -15.17 13.77
CA ASP A 29 -11.00 -16.53 13.38
C ASP A 29 -10.01 -17.61 13.81
N TYR A 30 -8.74 -17.25 13.98
CA TYR A 30 -7.70 -18.23 14.36
C TYR A 30 -7.52 -18.43 15.86
N ILE A 31 -8.24 -17.67 16.68
CA ILE A 31 -7.93 -17.58 18.10
C ILE A 31 -8.89 -18.49 18.87
N PRO A 32 -8.40 -19.33 19.79
CA PRO A 32 -9.33 -20.14 20.59
C PRO A 32 -10.37 -19.30 21.32
N GLU A 33 -11.61 -19.81 21.37
CA GLU A 33 -12.70 -19.12 22.08
C GLU A 33 -12.33 -18.70 23.50
N ASN A 34 -11.68 -19.59 24.27
CA ASN A 34 -11.23 -19.27 25.62
C ASN A 34 -10.19 -18.13 25.71
N LYS A 36 -10.05 -15.56 23.41
CA LYS A 36 -10.70 -14.30 23.05
C LYS A 36 -11.84 -13.91 24.00
N ALA A 37 -12.29 -14.84 24.84
CA ALA A 37 -13.35 -14.57 25.84
C ALA A 37 -13.06 -13.34 26.69
N GLY A 38 -13.96 -12.37 26.63
CA GLY A 38 -13.90 -11.19 27.47
C GLY A 38 -13.04 -10.10 26.89
N LYS A 39 -12.30 -10.38 25.82
CA LYS A 39 -11.39 -9.39 25.26
C LYS A 39 -11.97 -8.60 24.08
N SER A 40 -11.48 -7.37 23.93
CA SER A 40 -11.80 -6.55 22.75
C SER A 40 -11.01 -7.15 21.59
N VAL A 41 -11.29 -6.69 20.37
CA VAL A 41 -10.55 -7.17 19.18
C VAL A 41 -9.05 -6.87 19.35
N SER A 42 -8.70 -5.66 19.78
CA SER A 42 -7.27 -5.30 19.97
C SER A 42 -6.59 -6.15 21.06
N GLU A 43 -7.28 -6.40 22.16
CA GLU A 43 -6.72 -7.24 23.22
C GLU A 43 -6.53 -8.68 22.76
N ALA A 44 -7.52 -9.20 22.03
CA ALA A 44 -7.47 -10.60 21.58
C ALA A 44 -6.34 -10.82 20.58
N LEU A 45 -6.28 -9.95 19.57
CA LEU A 45 -5.21 -10.06 18.58
C LEU A 45 -3.86 -9.96 19.27
N PHE A 46 -3.69 -8.99 20.18
CA PHE A 46 -2.37 -8.85 20.81
C PHE A 46 -1.97 -10.08 21.67
N SER A 47 -2.90 -10.54 22.50
N SER A 47 -2.91 -10.53 22.50
CA SER A 47 -2.69 -11.70 23.36
CA SER A 47 -2.70 -11.68 23.38
C SER A 47 -2.32 -12.96 22.60
C SER A 47 -2.33 -12.96 22.61
N TYR A 48 -2.98 -13.17 21.46
CA TYR A 48 -2.68 -14.29 20.57
C TYR A 48 -1.28 -14.14 19.98
N ASN A 49 -0.92 -12.93 19.53
CA ASN A 49 0.43 -12.74 18.95
C ASN A 49 1.49 -12.96 20.01
N LYS A 50 1.28 -12.37 21.19
CA LYS A 50 2.19 -12.54 22.29
C LYS A 50 2.41 -14.01 22.64
N GLU A 51 1.33 -14.78 22.73
CA GLU A 51 1.45 -16.22 22.99
C GLU A 51 2.36 -16.91 21.96
N ILE A 52 2.19 -16.53 20.70
CA ILE A 52 2.99 -17.09 19.61
C ILE A 52 4.47 -16.63 19.68
N ILE A 53 4.68 -15.33 19.83
CA ILE A 53 6.03 -14.76 19.94
C ILE A 53 6.83 -15.43 21.08
N ASP A 54 6.24 -15.49 22.28
CA ASP A 54 6.91 -16.03 23.44
C ASP A 54 7.44 -17.44 23.26
N GLN A 55 6.78 -18.24 22.43
CA GLN A 55 7.18 -19.62 22.18
C GLN A 55 8.02 -19.79 20.90
N THR A 56 8.20 -18.72 20.14
CA THR A 56 8.85 -18.88 18.81
C THR A 56 10.02 -17.99 18.56
N TYR A 57 10.30 -17.10 19.49
CA TYR A 57 11.33 -16.03 19.27
C TYR A 57 12.74 -16.56 18.97
N ASP A 58 13.05 -17.75 19.46
CA ASP A 58 14.35 -18.34 19.20
C ASP A 58 14.33 -19.38 18.06
N VAL A 59 13.19 -19.60 17.40
CA VAL A 59 13.12 -20.54 16.25
C VAL A 59 12.68 -19.87 14.93
N CYS A 60 12.81 -18.54 14.88
CA CYS A 60 12.66 -17.79 13.65
C CYS A 60 13.59 -16.58 13.67
N ALA A 61 13.88 -16.06 12.50
CA ALA A 61 14.80 -14.94 12.42
C ALA A 61 14.12 -13.59 12.61
N ILE A 62 12.81 -13.56 12.34
CA ILE A 62 12.10 -12.28 12.10
C ILE A 62 10.61 -12.62 12.00
N TYR A 63 9.79 -11.64 12.37
CA TYR A 63 8.35 -11.73 12.21
C TYR A 63 7.90 -10.77 11.14
N LYS A 64 6.92 -11.20 10.35
CA LYS A 64 6.33 -10.32 9.35
C LYS A 64 4.84 -10.15 9.62
N LEU A 65 4.35 -8.91 9.50
CA LEU A 65 2.94 -8.66 9.75
C LEU A 65 2.27 -8.12 8.50
N GLN A 66 1.33 -8.89 7.95
CA GLN A 66 0.59 -8.40 6.78
C GLN A 66 -0.42 -7.39 7.31
N ILE A 67 -0.17 -6.12 7.06
CA ILE A 67 -0.92 -5.06 7.72
C ILE A 67 -2.39 -5.07 7.26
N ALA A 68 -2.66 -5.68 6.11
CA ALA A 68 -4.07 -5.76 5.65
C ALA A 68 -4.97 -6.43 6.68
N TYR A 69 -4.47 -7.46 7.37
CA TYR A 69 -5.27 -8.14 8.39
C TYR A 69 -5.63 -7.16 9.53
N TYR A 70 -4.67 -6.33 9.91
CA TYR A 70 -4.92 -5.37 11.00
C TYR A 70 -5.83 -4.24 10.52
N GLU A 71 -5.60 -3.74 9.30
CA GLU A 71 -6.48 -2.67 8.74
C GLU A 71 -7.94 -3.20 8.64
N SER A 72 -8.10 -4.50 8.42
CA SER A 72 -9.46 -5.07 8.25
C SER A 72 -10.32 -4.98 9.50
N TYR A 73 -9.64 -4.82 10.63
CA TYR A 73 -10.30 -4.64 11.93
C TYR A 73 -10.38 -3.18 12.38
N GLY A 74 -10.08 -2.26 11.49
CA GLY A 74 -10.19 -0.82 11.78
C GLY A 74 -9.25 -0.36 12.90
N ILE A 75 -9.71 0.58 13.72
CA ILE A 75 -8.87 1.11 14.82
C ILE A 75 -8.42 -0.01 15.77
N GLU A 76 -9.31 -0.93 16.14
CA GLU A 76 -8.90 -2.03 17.03
C GLU A 76 -7.76 -2.84 16.45
N GLY A 77 -7.83 -3.12 15.15
CA GLY A 77 -6.74 -3.83 14.49
C GLY A 77 -5.45 -3.05 14.51
N ILE A 79 -4.53 -0.79 16.71
CA ILE A 79 -4.01 -0.82 18.07
C ILE A 79 -3.23 -2.12 18.32
N ALA A 80 -3.77 -3.26 17.86
CA ALA A 80 -3.06 -4.55 17.99
C ALA A 80 -1.75 -4.53 17.21
N TYR A 81 -1.79 -3.89 16.04
CA TYR A 81 -0.60 -3.81 15.21
C TYR A 81 0.50 -3.06 15.99
N ARG A 82 0.18 -1.88 16.51
CA ARG A 82 1.09 -1.07 17.33
C ARG A 82 1.64 -1.86 18.54
N ASP A 83 0.72 -2.48 19.29
CA ASP A 83 1.09 -3.23 20.50
C ASP A 83 2.03 -4.40 20.17
N THR A 84 1.75 -5.13 19.09
CA THR A 84 2.60 -6.24 18.65
C THR A 84 4.02 -5.75 18.29
N LEU A 85 4.08 -4.68 17.49
CA LEU A 85 5.37 -4.13 17.09
C LEU A 85 6.20 -3.64 18.25
N SER A 86 5.54 -2.98 19.20
CA SER A 86 6.19 -2.51 20.43
C SER A 86 6.72 -3.70 21.24
N TYR A 87 5.94 -4.76 21.33
CA TYR A 87 6.36 -5.96 22.06
C TYR A 87 7.57 -6.63 21.42
N LEU A 88 7.53 -6.81 20.10
CA LEU A 88 8.70 -7.27 19.36
C LEU A 88 9.97 -6.45 19.60
N ARG A 89 9.84 -5.13 19.54
N ARG A 89 9.85 -5.13 19.50
N ARG A 89 9.86 -5.13 19.49
CA ARG A 89 10.94 -4.20 19.77
CA ARG A 89 11.00 -4.23 19.60
CA ARG A 89 11.01 -4.24 19.62
C ARG A 89 11.50 -4.33 21.18
C ARG A 89 11.56 -4.18 21.03
C ARG A 89 11.62 -4.32 21.02
N GLU A 90 10.62 -4.46 22.17
N GLU A 90 10.69 -4.24 22.03
CA GLU A 90 11.02 -4.73 23.55
CA GLU A 90 11.12 -4.23 23.41
C GLU A 90 11.85 -6.03 23.70
C GLU A 90 11.76 -5.56 23.83
N LYS A 91 11.37 -7.12 23.10
N LYS A 91 11.50 -6.62 23.07
CA LYS A 91 12.03 -8.43 23.17
CA LYS A 91 12.14 -7.91 23.29
C LYS A 91 13.31 -8.54 22.30
C LYS A 91 13.30 -8.15 22.33
N ASP A 92 13.82 -7.43 21.78
N ASP A 92 13.74 -7.09 21.65
CA ASP A 92 15.00 -7.49 20.90
CA ASP A 92 14.90 -7.17 20.76
C ASP A 92 14.76 -8.31 19.62
C ASP A 92 14.75 -8.19 19.62
N LEU A 93 13.54 -8.26 19.09
CA LEU A 93 13.21 -9.09 17.95
C LEU A 93 12.97 -8.24 16.71
N LEU A 94 13.13 -8.84 15.54
CA LEU A 94 13.02 -8.11 14.29
C LEU A 94 11.64 -8.23 13.67
N SER A 95 11.19 -7.16 13.01
CA SER A 95 9.87 -7.15 12.37
C SER A 95 9.95 -6.65 10.93
N ILE A 96 9.10 -7.21 10.08
CA ILE A 96 8.84 -6.65 8.77
C ILE A 96 7.37 -6.19 8.73
N GLY A 97 7.15 -4.93 8.32
CA GLY A 97 5.80 -4.43 8.06
C GLY A 97 5.49 -4.75 6.59
N ASP A 98 4.61 -5.72 6.34
CA ASP A 98 4.34 -6.09 4.94
C ASP A 98 3.21 -5.19 4.49
N VAL A 99 3.58 -4.07 3.89
CA VAL A 99 2.69 -2.96 3.54
C VAL A 99 2.66 -2.73 2.03
N LYS A 100 3.72 -3.19 1.32
CA LYS A 100 3.84 -3.04 -0.14
C LYS A 100 3.29 -1.67 -0.62
N ARG A 101 3.79 -0.58 -0.02
CA ARG A 101 3.31 0.77 -0.41
C ARG A 101 3.90 1.17 -1.75
N SER A 102 3.23 2.11 -2.43
CA SER A 102 3.47 2.38 -3.86
C SER A 102 3.85 3.82 -4.16
N ASP A 103 3.65 4.70 -3.20
CA ASP A 103 3.73 6.15 -3.43
C ASP A 103 5.13 6.72 -3.63
N ILE A 104 5.18 7.97 -4.10
CA ILE A 104 6.44 8.64 -4.39
C ILE A 104 6.58 9.92 -3.56
N ALA A 105 7.77 10.53 -3.60
CA ALA A 105 8.01 11.90 -3.11
C ALA A 105 7.38 12.12 -1.73
N ALA A 106 6.59 13.17 -1.54
CA ALA A 106 6.09 13.51 -0.19
C ALA A 106 5.24 12.41 0.45
N SER A 107 4.40 11.75 -0.36
CA SER A 107 3.54 10.71 0.16
C SER A 107 4.38 9.53 0.62
N ALA A 108 5.42 9.20 -0.14
CA ALA A 108 6.35 8.16 0.31
C ALA A 108 7.07 8.58 1.62
N LYS A 109 7.41 9.86 1.75
CA LYS A 109 8.09 10.33 2.98
C LYS A 109 7.13 10.17 4.15
N TYR A 111 4.70 7.75 4.35
CA TYR A 111 4.77 6.33 4.69
C TYR A 111 6.05 5.95 5.43
N ALA A 112 7.17 6.60 5.11
CA ALA A 112 8.43 6.30 5.75
C ALA A 112 8.32 6.70 7.23
N LYS A 113 7.70 7.85 7.48
CA LYS A 113 7.49 8.30 8.85
C LYS A 113 6.50 7.37 9.57
N ALA A 114 5.47 6.93 8.84
CA ALA A 114 4.43 6.04 9.40
C ALA A 114 5.01 4.70 9.87
N HIS A 115 5.92 4.13 9.06
CA HIS A 115 6.35 2.75 9.24
C HIS A 115 7.75 2.55 9.74
N PHE A 116 8.56 3.62 9.71
CA PHE A 116 9.88 3.54 10.34
C PHE A 116 9.98 4.34 11.65
N GLU A 117 8.88 4.96 12.10
CA GLU A 117 8.86 5.72 13.38
C GLU A 117 7.54 5.55 14.07
N GLY A 118 7.49 5.90 15.34
CA GLY A 118 6.17 6.01 15.99
C GLY A 118 5.40 4.72 16.17
N ASP A 119 4.05 4.81 16.14
CA ASP A 119 3.17 3.69 16.51
C ASP A 119 3.38 2.44 15.67
N PHE A 120 3.69 2.64 14.39
CA PHE A 120 3.77 1.50 13.47
C PHE A 120 5.21 1.18 13.04
N GLU A 121 6.18 1.60 13.87
CA GLU A 121 7.60 1.40 13.57
C GLU A 121 7.99 -0.06 13.41
N THR A 122 8.55 -0.38 12.24
N THR A 122 8.62 -0.37 12.28
CA THR A 122 9.12 -1.70 11.94
CA THR A 122 9.15 -1.69 12.02
C THR A 122 10.60 -1.55 11.52
C THR A 122 10.61 -1.55 11.55
N ASP A 123 11.33 -2.66 11.46
CA ASP A 123 12.73 -2.65 11.00
C ASP A 123 12.88 -2.67 9.47
N PHE A 124 11.96 -3.35 8.79
CA PHE A 124 11.94 -3.46 7.32
C PHE A 124 10.50 -3.27 6.82
N ILE A 125 10.32 -2.69 5.63
CA ILE A 125 8.97 -2.71 5.00
C ILE A 125 9.07 -3.26 3.60
N THR A 126 7.95 -3.73 3.08
CA THR A 126 7.90 -4.15 1.69
C THR A 126 7.41 -2.99 0.78
N LEU A 127 7.94 -2.88 -0.43
CA LEU A 127 7.64 -1.74 -1.30
C LEU A 127 7.32 -2.25 -2.71
N ASN A 128 6.34 -1.61 -3.32
CA ASN A 128 6.02 -1.85 -4.73
C ASN A 128 6.71 -0.78 -5.63
N PRO A 129 7.57 -1.20 -6.58
CA PRO A 129 8.37 -0.24 -7.35
C PRO A 129 7.71 0.31 -8.62
N TYR A 130 6.42 0.02 -8.84
CA TYR A 130 5.74 0.32 -10.13
C TYR A 130 6.02 1.77 -10.59
N GLY A 132 8.41 3.80 -10.08
CA GLY A 132 9.78 4.11 -10.48
C GLY A 132 10.69 4.37 -9.29
N ASP A 134 11.65 6.94 -7.78
CA ASP A 134 11.15 7.90 -6.79
C ASP A 134 10.08 7.29 -5.86
N SER A 135 9.75 6.00 -6.05
CA SER A 135 9.01 5.26 -5.03
C SER A 135 9.95 4.53 -4.05
N ILE A 136 11.26 4.61 -4.30
CA ILE A 136 12.22 3.94 -3.41
C ILE A 136 13.18 4.94 -2.77
N GLU A 137 13.67 5.88 -3.58
N GLU A 137 13.68 5.90 -3.55
CA GLU A 137 14.56 6.96 -3.15
CA GLU A 137 14.59 6.93 -3.05
C GLU A 137 14.16 7.65 -1.82
C GLU A 137 14.15 7.62 -1.75
N PRO A 138 12.86 7.98 -1.62
CA PRO A 138 12.50 8.68 -0.35
C PRO A 138 12.76 7.90 0.96
N TYR A 139 12.88 6.57 0.85
CA TYR A 139 13.18 5.72 1.99
C TYR A 139 14.68 5.66 2.34
N GLU A 140 15.52 6.11 1.39
CA GLU A 140 16.98 6.06 1.54
C GLU A 140 17.45 6.86 2.74
N GLU A 141 16.78 7.97 3.07
CA GLU A 141 17.10 8.74 4.27
C GLU A 141 17.22 7.80 5.50
N TYR A 142 16.30 6.84 5.60
CA TYR A 142 16.30 5.89 6.72
C TYR A 142 17.27 4.77 6.56
N ILE A 143 17.34 4.23 5.35
CA ILE A 143 18.23 3.14 5.03
C ILE A 143 19.69 3.58 5.26
N GLU A 144 20.02 4.81 4.84
CA GLU A 144 21.39 5.32 4.95
C GLU A 144 21.86 5.39 6.42
N LYS A 145 20.93 5.55 7.36
CA LYS A 145 21.33 5.62 8.76
C LYS A 145 21.70 4.25 9.36
N GLY A 146 21.39 3.18 8.62
CA GLY A 146 21.79 1.86 9.03
C GLY A 146 20.75 1.06 9.81
N ASP A 147 19.62 1.66 10.19
CA ASP A 147 18.71 0.90 11.07
C ASP A 147 17.47 0.33 10.41
N LYS A 148 17.24 0.66 9.13
CA LYS A 148 15.98 0.24 8.44
C LYS A 148 16.30 -0.32 7.07
N GLY A 149 15.50 -1.30 6.68
CA GLY A 149 15.70 -2.00 5.39
C GLY A 149 14.37 -2.04 4.62
N VAL A 150 14.43 -2.46 3.35
CA VAL A 150 13.22 -2.64 2.54
C VAL A 150 13.35 -3.95 1.77
N PHE A 151 12.21 -4.53 1.41
CA PHE A 151 12.17 -5.62 0.42
C PHE A 151 11.26 -5.15 -0.70
N VAL A 152 11.79 -5.16 -1.92
CA VAL A 152 11.11 -4.57 -3.07
C VAL A 152 10.51 -5.72 -3.89
N LEU A 153 9.22 -5.62 -4.26
CA LEU A 153 8.61 -6.66 -5.12
C LEU A 153 9.44 -6.90 -6.38
N LEU A 154 9.75 -8.17 -6.66
CA LEU A 154 10.46 -8.52 -7.89
C LEU A 154 9.59 -9.50 -8.71
N ARG A 155 9.68 -10.77 -8.34
CA ARG A 155 9.02 -11.84 -9.09
C ARG A 155 8.29 -12.70 -8.05
N THR A 156 6.96 -12.76 -8.13
CA THR A 156 6.17 -13.57 -7.21
C THR A 156 5.60 -14.81 -7.94
N SER A 157 5.11 -15.78 -7.15
CA SER A 157 4.75 -17.10 -7.72
C SER A 157 3.24 -17.24 -8.02
N ASN A 158 2.49 -16.18 -7.75
CA ASN A 158 1.06 -16.17 -8.02
C ASN A 158 0.72 -16.22 -9.54
N PRO A 159 -0.47 -16.72 -9.90
CA PRO A 159 -0.78 -16.76 -11.35
C PRO A 159 -0.77 -15.35 -12.02
N GLY A 160 -1.09 -14.30 -11.27
CA GLY A 160 -1.08 -12.93 -11.82
C GLY A 160 0.29 -12.45 -12.27
N ALA A 161 1.35 -13.07 -11.77
CA ALA A 161 2.70 -12.73 -12.21
C ALA A 161 2.87 -12.88 -13.74
N LYS A 162 2.06 -13.76 -14.33
N LYS A 162 2.06 -13.75 -14.34
CA LYS A 162 2.10 -14.00 -15.78
CA LYS A 162 2.11 -13.97 -15.78
C LYS A 162 1.53 -12.82 -16.59
C LYS A 162 1.60 -12.77 -16.58
N ASP A 163 0.81 -11.92 -15.93
CA ASP A 163 0.13 -10.80 -16.60
C ASP A 163 1.12 -9.68 -16.93
N PHE A 164 1.92 -9.26 -15.95
CA PHE A 164 2.82 -8.11 -16.13
C PHE A 164 4.28 -8.34 -15.79
N GLU A 165 4.56 -8.96 -14.63
CA GLU A 165 5.94 -9.15 -14.15
C GLU A 165 6.84 -9.81 -15.20
N VAL A 166 6.31 -10.78 -15.93
CA VAL A 166 7.15 -11.54 -16.86
C VAL A 166 7.17 -11.07 -18.31
N LEU A 167 6.44 -10.00 -18.63
CA LEU A 167 6.37 -9.50 -20.03
C LEU A 167 7.78 -9.21 -20.58
N PRO A 168 8.03 -9.60 -21.83
CA PRO A 168 9.38 -9.40 -22.41
C PRO A 168 9.72 -7.93 -22.62
N VAL A 169 10.85 -7.50 -22.04
CA VAL A 169 11.43 -6.17 -22.32
C VAL A 169 12.89 -6.35 -22.76
N ASP A 170 13.19 -6.03 -24.02
CA ASP A 170 14.54 -6.22 -24.56
C ASP A 170 15.00 -7.66 -24.32
N GLY A 171 14.20 -8.64 -24.73
CA GLY A 171 14.61 -10.05 -24.65
C GLY A 171 14.63 -10.74 -23.27
N GLU A 172 14.26 -10.02 -22.21
CA GLU A 172 14.26 -10.58 -20.86
C GLU A 172 13.00 -10.14 -20.09
N GLU A 173 12.62 -10.87 -19.06
CA GLU A 173 11.42 -10.48 -18.31
C GLU A 173 11.52 -9.07 -17.74
N PHE A 174 10.41 -8.32 -17.79
CA PHE A 174 10.24 -6.99 -17.16
C PHE A 174 10.87 -6.90 -15.77
N PHE A 175 10.58 -7.89 -14.94
CA PHE A 175 11.00 -7.81 -13.53
C PHE A 175 12.53 -7.66 -13.35
N TYR A 176 13.30 -8.15 -14.31
CA TYR A 176 14.75 -7.96 -14.27
C TYR A 176 15.20 -6.49 -14.35
N LYS A 177 14.41 -5.67 -15.05
CA LYS A 177 14.68 -4.24 -15.13
C LYS A 177 14.57 -3.62 -13.74
N VAL A 178 13.55 -4.03 -12.99
CA VAL A 178 13.31 -3.58 -11.62
C VAL A 178 14.47 -4.06 -10.74
N GLY A 179 14.75 -5.37 -10.82
CA GLY A 179 15.78 -5.98 -10.00
C GLY A 179 17.15 -5.34 -10.17
N ASP A 180 17.53 -5.09 -11.41
CA ASP A 180 18.85 -4.54 -11.69
C ASP A 180 19.01 -3.12 -11.12
N LYS A 181 17.91 -2.36 -11.10
CA LYS A 181 17.95 -0.99 -10.52
C LYS A 181 18.13 -1.06 -9.01
N ARG A 183 19.49 -3.62 -7.40
CA ARG A 183 20.82 -4.14 -7.22
C ARG A 183 21.86 -3.00 -7.19
N GLU A 184 21.79 -2.05 -8.12
N GLU A 184 21.73 -2.08 -8.13
CA GLU A 184 22.79 -0.98 -8.09
CA GLU A 184 22.62 -0.91 -8.22
C GLU A 184 22.57 -0.01 -6.91
C GLU A 184 22.54 -0.10 -6.92
N LEU A 185 21.33 0.14 -6.44
CA LEU A 185 21.08 0.96 -5.26
C LEU A 185 21.63 0.29 -3.99
N ASN A 186 21.39 -1.01 -3.89
CA ASN A 186 21.85 -1.81 -2.78
C ASN A 186 23.38 -1.72 -2.57
N GLU A 187 24.13 -1.65 -3.67
CA GLU A 187 25.60 -1.58 -3.62
C GLU A 187 26.11 -0.40 -2.76
N LYS A 188 25.31 0.65 -2.60
CA LYS A 188 25.73 1.80 -1.79
C LYS A 188 25.75 1.49 -0.29
N TYR A 189 25.12 0.39 0.11
CA TYR A 189 24.88 0.18 1.53
C TYR A 189 25.30 -1.19 2.03
N ILE A 190 26.26 -1.83 1.37
CA ILE A 190 26.65 -3.21 1.73
C ILE A 190 27.17 -3.25 3.19
N GLY A 191 26.69 -4.26 3.93
CA GLY A 191 27.08 -4.41 5.32
C GLY A 191 28.25 -5.38 5.51
N LYS A 192 28.58 -5.64 6.77
CA LYS A 192 29.72 -6.52 7.13
C LYS A 192 29.49 -7.92 6.61
N SER A 193 28.21 -8.31 6.52
CA SER A 193 27.80 -9.63 6.08
C SER A 193 27.94 -9.89 4.56
N GLY A 194 28.20 -8.85 3.78
CA GLY A 194 28.23 -9.00 2.32
C GLY A 194 26.88 -8.83 1.65
N PHE A 195 25.84 -8.55 2.45
CA PHE A 195 24.51 -8.18 1.95
C PHE A 195 24.22 -6.73 2.28
N GLY A 196 23.36 -6.10 1.48
CA GLY A 196 22.88 -4.76 1.74
C GLY A 196 21.41 -4.80 2.18
N PRO A 197 20.85 -3.65 2.56
CA PRO A 197 19.52 -3.55 3.17
C PRO A 197 18.42 -3.33 2.14
N ILE A 198 18.78 -3.32 0.86
CA ILE A 198 17.75 -3.28 -0.16
C ILE A 198 17.51 -4.67 -0.71
N GLY A 199 16.46 -5.32 -0.21
CA GLY A 199 16.20 -6.72 -0.57
C GLY A 199 15.11 -6.85 -1.62
N LEU A 200 14.78 -8.08 -1.97
CA LEU A 200 13.74 -8.34 -2.97
C LEU A 200 12.75 -9.31 -2.41
N VAL A 201 11.50 -9.17 -2.80
CA VAL A 201 10.49 -10.18 -2.56
C VAL A 201 10.54 -11.12 -3.77
N VAL A 202 10.80 -12.40 -3.52
CA VAL A 202 10.97 -13.41 -4.57
C VAL A 202 10.23 -14.68 -4.16
N GLY A 203 9.31 -15.13 -5.02
CA GLY A 203 8.59 -16.37 -4.79
C GLY A 203 9.31 -17.56 -5.41
N ALA A 204 8.98 -18.75 -4.92
CA ALA A 204 9.59 -19.98 -5.40
C ALA A 204 8.83 -20.44 -6.65
N THR A 205 9.39 -20.13 -7.82
CA THR A 205 8.66 -20.37 -9.05
C THR A 205 9.01 -21.75 -9.60
N HIS A 206 10.14 -21.87 -10.27
CA HIS A 206 10.62 -23.16 -10.77
C HIS A 206 12.15 -23.14 -10.80
N SER A 207 12.75 -24.33 -10.83
CA SER A 207 14.17 -24.51 -10.60
C SER A 207 15.09 -23.55 -11.37
N GLU A 208 14.97 -23.54 -12.69
CA GLU A 208 15.87 -22.74 -13.51
C GLU A 208 15.80 -21.26 -13.11
N GLU A 209 14.59 -20.80 -12.86
CA GLU A 209 14.39 -19.39 -12.59
C GLU A 209 14.89 -19.00 -11.19
N VAL A 210 14.65 -19.83 -10.19
CA VAL A 210 15.10 -19.48 -8.84
C VAL A 210 16.63 -19.46 -8.80
N GLU A 211 17.29 -20.39 -9.49
CA GLU A 211 18.77 -20.35 -9.54
C GLU A 211 19.34 -19.10 -10.25
N LYS A 212 18.69 -18.69 -11.33
CA LYS A 212 19.12 -17.50 -12.09
C LYS A 212 18.97 -16.21 -11.22
N ILE A 213 17.81 -16.06 -10.57
CA ILE A 213 17.56 -14.89 -9.69
C ILE A 213 18.52 -14.88 -8.49
N ARG A 214 18.70 -16.04 -7.83
CA ARG A 214 19.63 -16.14 -6.69
C ARG A 214 21.07 -15.69 -7.04
N LYS A 215 21.53 -16.16 -8.20
CA LYS A 215 22.87 -15.85 -8.69
C LYS A 215 23.00 -14.38 -9.14
N ARG A 216 22.00 -13.85 -9.86
CA ARG A 216 22.06 -12.47 -10.36
C ARG A 216 22.07 -11.44 -9.23
N TYR A 217 21.35 -11.73 -8.14
CA TYR A 217 21.21 -10.79 -7.03
C TYR A 217 21.82 -11.36 -5.74
N ASP A 218 23.11 -11.64 -5.77
CA ASP A 218 23.72 -12.44 -4.69
C ASP A 218 24.05 -11.60 -3.45
N LYS A 219 23.88 -10.28 -3.51
CA LYS A 219 24.15 -9.45 -2.34
C LYS A 219 22.88 -8.84 -1.77
N PHE A 221 19.15 -9.66 0.27
CA PHE A 221 18.32 -10.62 1.01
C PHE A 221 16.98 -10.82 0.32
N PHE A 222 16.49 -12.05 0.29
CA PHE A 222 15.22 -12.37 -0.33
C PHE A 222 14.18 -12.56 0.77
N LEU A 223 13.02 -11.92 0.61
CA LEU A 223 11.84 -12.29 1.39
C LEU A 223 11.01 -13.22 0.50
N ILE A 224 10.85 -14.46 0.96
CA ILE A 224 10.09 -15.45 0.18
C ILE A 224 8.68 -15.50 0.80
N PRO A 225 7.62 -15.13 0.02
CA PRO A 225 6.36 -14.86 0.71
C PRO A 225 5.64 -16.09 1.26
N GLY A 226 5.97 -17.25 0.73
CA GLY A 226 5.34 -18.48 1.20
C GLY A 226 5.76 -19.61 0.27
N PHE A 227 5.28 -20.82 0.54
CA PHE A 227 5.53 -21.91 -0.40
C PHE A 227 4.48 -22.98 -0.25
N GLY A 228 4.33 -23.76 -1.32
CA GLY A 228 3.34 -24.83 -1.37
C GLY A 228 3.76 -26.11 -0.66
N ALA A 229 2.90 -27.13 -0.77
CA ALA A 229 3.03 -28.34 0.04
C ALA A 229 3.71 -29.49 -0.72
N GLN A 230 4.08 -29.27 -1.96
CA GLN A 230 4.69 -30.35 -2.77
C GLN A 230 6.24 -30.35 -2.66
N LYS A 231 6.88 -31.42 -3.14
CA LYS A 231 8.32 -31.60 -2.93
C LYS A 231 9.16 -30.59 -3.70
N ALA A 232 8.79 -30.30 -4.95
CA ALA A 232 9.47 -29.27 -5.73
C ALA A 232 9.46 -27.89 -5.03
N ASP A 233 8.38 -27.61 -4.30
CA ASP A 233 8.20 -26.33 -3.61
C ASP A 233 9.27 -26.09 -2.56
N SER A 234 9.54 -27.06 -1.69
CA SER A 234 10.54 -26.82 -0.66
C SER A 234 11.96 -26.81 -1.26
N ASN A 236 12.72 -25.67 -4.31
CA ASN A 236 12.84 -24.31 -4.88
C ASN A 236 13.09 -23.22 -3.84
N VAL A 237 12.45 -23.33 -2.68
CA VAL A 237 12.77 -22.40 -1.58
C VAL A 237 14.23 -22.54 -1.16
N TYR A 238 14.69 -23.77 -1.05
CA TYR A 238 16.06 -24.02 -0.61
C TYR A 238 17.05 -23.34 -1.59
N LYS A 239 16.73 -23.41 -2.88
CA LYS A 239 17.57 -22.83 -3.92
C LYS A 239 17.62 -21.27 -3.93
N LEU A 240 16.75 -20.63 -3.15
CA LEU A 240 16.74 -19.17 -3.00
C LEU A 240 17.54 -18.76 -1.79
N LEU A 241 18.15 -19.74 -1.12
CA LEU A 241 19.08 -19.45 -0.03
C LEU A 241 20.53 -19.58 -0.49
N GLU A 242 21.46 -18.91 0.21
N GLU A 242 21.44 -18.89 0.20
CA GLU A 242 22.90 -19.08 0.01
CA GLU A 242 22.88 -19.11 0.05
C GLU A 242 23.52 -19.50 1.35
C GLU A 242 23.42 -19.55 1.40
N GLY A 243 23.93 -20.77 1.49
CA GLY A 243 24.44 -21.30 2.79
C GLY A 243 23.43 -21.21 3.96
N LEU A 244 22.16 -21.53 3.67
CA LEU A 244 21.04 -21.36 4.60
C LEU A 244 20.85 -19.92 5.10
N ASN A 245 21.32 -18.95 4.31
CA ASN A 245 21.17 -17.55 4.71
C ASN A 245 20.87 -16.73 3.45
N GLY A 246 20.81 -15.42 3.58
CA GLY A 246 20.53 -14.57 2.41
C GLY A 246 19.07 -14.52 2.01
N GLY A 247 18.22 -15.09 2.85
CA GLY A 247 16.78 -15.09 2.60
C GLY A 247 16.07 -15.46 3.90
N VAL A 248 14.79 -15.07 4.00
CA VAL A 248 13.88 -15.61 5.01
C VAL A 248 12.63 -16.13 4.29
N VAL A 249 12.06 -17.19 4.84
CA VAL A 249 10.94 -17.84 4.18
C VAL A 249 9.73 -17.65 5.08
N ASN A 250 8.74 -16.92 4.59
CA ASN A 250 7.53 -16.64 5.41
C ASN A 250 6.60 -17.87 5.51
N SER A 251 6.09 -18.11 6.73
CA SER A 251 4.97 -19.03 6.90
C SER A 251 4.00 -18.38 7.85
N SER A 252 2.73 -18.26 7.41
CA SER A 252 1.69 -17.59 8.20
C SER A 252 0.66 -18.60 8.76
N ARG A 253 -0.31 -18.96 7.93
CA ARG A 253 -1.42 -19.79 8.39
C ARG A 253 -1.03 -21.15 8.98
N ALA A 254 -0.06 -21.83 8.37
CA ALA A 254 0.36 -23.14 8.87
C ALA A 254 0.79 -23.03 10.32
N ILE A 255 1.49 -21.95 10.66
CA ILE A 255 1.97 -21.73 12.02
C ILE A 255 0.84 -21.23 12.94
N LEU A 256 0.11 -20.20 12.50
CA LEU A 256 -0.95 -19.58 13.30
C LEU A 256 -2.09 -20.54 13.61
N LYS A 257 -2.36 -21.49 12.71
CA LYS A 257 -3.50 -22.40 12.86
C LYS A 257 -3.14 -23.85 13.27
N ASN A 258 -1.85 -24.10 13.51
CA ASN A 258 -1.40 -25.48 13.81
C ASN A 258 -2.08 -26.06 15.05
N TRP A 259 -2.39 -25.22 16.04
CA TRP A 259 -3.11 -25.66 17.26
C TRP A 259 -4.45 -26.36 16.99
N GLN A 260 -5.08 -25.98 15.88
CA GLN A 260 -6.39 -26.53 15.49
C GLN A 260 -6.33 -28.01 15.09
N ASN A 261 -5.14 -28.54 14.95
CA ASN A 261 -4.97 -29.93 14.51
C ASN A 261 -4.78 -30.88 15.68
N TYR A 262 -4.83 -30.36 16.90
CA TYR A 262 -4.50 -31.17 18.08
C TYR A 262 -5.57 -31.00 19.13
N GLU A 263 -5.93 -32.12 19.79
CA GLU A 263 -6.98 -32.11 20.81
C GLU A 263 -6.66 -31.12 21.94
N ASP A 264 -5.41 -31.04 22.37
CA ASP A 264 -5.06 -30.07 23.42
C ASP A 264 -4.61 -28.70 22.89
N GLY A 265 -4.86 -28.43 21.63
CA GLY A 265 -4.34 -27.22 20.97
C GLY A 265 -4.77 -25.88 21.56
N SER A 266 -6.02 -25.78 22.04
CA SER A 266 -6.52 -24.50 22.52
C SER A 266 -5.67 -23.93 23.67
N GLU A 267 -5.04 -24.82 24.40
CA GLU A 267 -4.17 -24.48 25.54
C GLU A 267 -2.68 -24.36 25.20
N LYS A 268 -2.34 -24.62 23.93
CA LYS A 268 -0.95 -24.72 23.50
C LYS A 268 -0.76 -24.07 22.13
N VAL A 269 -1.39 -22.90 21.93
CA VAL A 269 -1.30 -22.18 20.65
C VAL A 269 0.17 -21.91 20.28
N GLY A 270 0.92 -21.38 21.23
CA GLY A 270 2.34 -21.03 21.03
C GLY A 270 3.20 -22.27 20.84
N TYR A 271 3.02 -23.26 21.69
CA TYR A 271 3.70 -24.56 21.51
C TYR A 271 3.49 -25.14 20.10
N TYR A 272 2.25 -25.18 19.64
CA TYR A 272 2.07 -25.73 18.30
C TYR A 272 2.56 -24.84 17.17
N ALA A 273 2.57 -23.52 17.40
CA ALA A 273 3.17 -22.59 16.42
C ALA A 273 4.68 -22.92 16.33
N ARG A 274 5.29 -23.08 17.51
CA ARG A 274 6.71 -23.46 17.61
C ARG A 274 7.02 -24.76 16.88
N LYS A 275 6.19 -25.77 17.09
CA LYS A 275 6.39 -27.07 16.48
C LYS A 275 6.44 -26.93 14.96
N LYS A 276 5.51 -26.16 14.41
CA LYS A 276 5.45 -25.90 12.96
C LYS A 276 6.63 -25.09 12.47
N ALA A 277 7.02 -24.06 13.22
CA ALA A 277 8.16 -23.22 12.78
C ALA A 277 9.42 -24.10 12.66
N ILE A 278 9.62 -24.97 13.64
CA ILE A 278 10.77 -25.90 13.61
C ILE A 278 10.68 -26.84 12.41
N GLU A 279 9.48 -27.41 12.20
CA GLU A 279 9.29 -28.33 11.10
C GLU A 279 9.57 -27.68 9.75
N THR A 280 9.16 -26.42 9.61
CA THR A 280 9.37 -25.65 8.38
C THR A 280 10.84 -25.50 8.06
N TYR A 281 11.63 -25.05 9.04
CA TYR A 281 13.08 -24.99 8.88
C TYR A 281 13.67 -26.36 8.48
N GLU A 282 13.29 -27.41 9.22
CA GLU A 282 13.81 -28.77 8.93
C GLU A 282 13.45 -29.28 7.54
N GLU A 283 12.21 -29.00 7.11
N GLU A 283 12.22 -29.03 7.09
CA GLU A 283 11.72 -29.37 5.78
CA GLU A 283 11.80 -29.51 5.77
C GLU A 283 12.61 -28.82 4.67
C GLU A 283 12.52 -28.80 4.60
N ILE A 284 12.87 -27.52 4.77
CA ILE A 284 13.60 -26.80 3.74
C ILE A 284 15.07 -27.22 3.76
N LYS A 285 15.65 -27.30 4.95
CA LYS A 285 17.05 -27.69 5.10
C LYS A 285 17.33 -29.10 4.59
N ALA A 286 16.37 -30.02 4.77
CA ALA A 286 16.55 -31.41 4.32
C ALA A 286 16.84 -31.50 2.81
N ASN A 287 16.58 -30.43 2.06
CA ASN A 287 16.94 -30.41 0.63
C ASN A 287 18.43 -30.36 0.35
N GLU A 288 19.21 -30.02 1.38
CA GLU A 288 20.68 -30.00 1.31
C GLU A 288 21.20 -31.33 0.83
N VAL A 289 22.14 -31.28 -0.10
CA VAL A 289 22.84 -32.48 -0.62
C VAL A 289 24.31 -32.16 -0.75
N SER B 1 -33.86 11.73 -8.11
CA SER B 1 -32.38 11.90 -8.07
C SER B 1 -31.71 10.95 -7.06
N ASN B 2 -31.12 9.84 -7.51
CA ASN B 2 -31.31 9.25 -8.87
C ASN B 2 -30.33 8.10 -9.20
N ALA B 3 -29.11 8.42 -9.61
CA ALA B 3 -28.12 7.40 -10.00
C ALA B 3 -27.97 6.33 -8.91
N LYS B 5 -25.62 3.33 -9.31
CA LYS B 5 -24.25 2.82 -9.29
C LYS B 5 -23.26 3.93 -8.93
N ILE B 6 -22.19 3.58 -8.22
CA ILE B 6 -21.29 4.63 -7.68
C ILE B 6 -20.59 5.43 -8.76
N ILE B 7 -20.28 4.80 -9.91
CA ILE B 7 -19.70 5.54 -11.01
C ILE B 7 -20.67 6.55 -11.59
N ASP B 8 -21.97 6.25 -11.56
CA ASP B 8 -22.92 7.18 -12.13
C ASP B 8 -23.12 8.33 -11.16
N LYS B 9 -23.00 8.02 -9.87
CA LYS B 9 -23.04 9.03 -8.81
C LYS B 9 -21.86 9.98 -8.95
N LEU B 10 -20.69 9.44 -9.23
CA LEU B 10 -19.51 10.30 -9.47
C LEU B 10 -19.71 11.15 -10.74
N TYR B 11 -20.14 10.51 -11.83
CA TYR B 11 -20.44 11.28 -13.06
C TYR B 11 -21.40 12.46 -12.78
N GLU B 12 -22.45 12.19 -12.02
CA GLU B 12 -23.43 13.22 -11.68
C GLU B 12 -22.82 14.32 -10.80
N LYS B 13 -21.99 13.93 -9.83
CA LYS B 13 -21.29 14.90 -8.98
C LYS B 13 -20.39 15.80 -9.83
N VAL B 14 -19.69 15.23 -10.82
CA VAL B 14 -18.82 16.04 -11.68
C VAL B 14 -19.66 16.98 -12.54
N SER B 15 -20.82 16.49 -12.93
CA SER B 15 -21.74 17.27 -13.74
C SER B 15 -22.26 18.48 -12.97
N LYS B 16 -22.58 18.30 -11.69
N LYS B 16 -22.61 18.30 -11.69
CA LYS B 16 -23.17 19.34 -10.86
CA LYS B 16 -23.19 19.38 -10.87
C LYS B 16 -22.14 20.28 -10.28
C LYS B 16 -22.13 20.30 -10.28
N ASN B 17 -21.03 19.71 -9.80
CA ASN B 17 -20.06 20.45 -9.01
C ASN B 17 -18.73 20.73 -9.70
N GLY B 18 -18.55 20.20 -10.90
CA GLY B 18 -17.28 20.30 -11.62
C GLY B 18 -16.33 19.16 -11.26
N PHE B 19 -15.18 19.13 -11.94
CA PHE B 19 -14.28 18.00 -11.89
C PHE B 19 -13.19 18.10 -10.81
N VAL B 20 -13.25 19.08 -9.91
CA VAL B 20 -12.22 19.14 -8.89
C VAL B 20 -12.39 18.04 -7.84
N CYS B 21 -11.26 17.38 -7.52
CA CYS B 21 -11.15 16.51 -6.38
C CYS B 21 -10.32 17.21 -5.29
N ILE B 22 -10.90 17.37 -4.12
CA ILE B 22 -10.16 17.99 -2.99
C ILE B 22 -9.37 16.97 -2.18
N GLY B 23 -8.05 17.20 -2.09
CA GLY B 23 -7.15 16.23 -1.44
C GLY B 23 -6.94 16.58 0.01
N LEU B 24 -7.60 15.84 0.87
CA LEU B 24 -7.52 16.07 2.32
C LEU B 24 -6.30 15.32 2.88
N ASP B 25 -5.14 15.71 2.37
CA ASP B 25 -3.87 15.06 2.70
C ASP B 25 -3.30 15.86 3.89
N SER B 26 -4.01 15.77 5.00
CA SER B 26 -3.90 16.76 6.05
C SER B 26 -2.69 16.51 6.96
N SER B 27 -2.11 17.61 7.45
CA SER B 27 -0.96 17.60 8.33
C SER B 27 -1.23 18.61 9.42
N ILE B 28 -0.76 18.29 10.61
CA ILE B 28 -0.84 19.19 11.73
C ILE B 28 -0.15 20.50 11.39
N ASP B 29 0.86 20.43 10.51
CA ASP B 29 1.61 21.62 10.08
C ASP B 29 0.75 22.65 9.30
N TYR B 30 -0.37 22.21 8.73
CA TYR B 30 -1.23 23.11 7.96
C TYR B 30 -2.32 23.78 8.77
N ILE B 31 -2.46 23.42 10.05
CA ILE B 31 -3.62 23.86 10.85
C ILE B 31 -3.26 25.09 11.69
N PRO B 32 -4.09 26.16 11.65
CA PRO B 32 -3.81 27.34 12.48
C PRO B 32 -3.68 26.96 13.97
N GLU B 33 -2.81 27.66 14.70
N GLU B 33 -2.81 27.67 14.68
CA GLU B 33 -2.63 27.34 16.12
CA GLU B 33 -2.60 27.39 16.10
C GLU B 33 -3.96 27.37 16.87
C GLU B 33 -3.93 27.39 16.87
N ASN B 34 -4.79 28.37 16.58
CA ASN B 34 -6.10 28.51 17.25
C ASN B 34 -7.05 27.31 17.07
N LYS B 36 -5.89 24.04 16.54
CA LYS B 36 -5.34 22.81 17.14
C LYS B 36 -5.05 22.91 18.63
N ALA B 37 -5.09 24.13 19.16
CA ALA B 37 -4.86 24.37 20.59
C ALA B 37 -5.89 23.61 21.42
N GLY B 38 -5.41 22.81 22.37
CA GLY B 38 -6.34 22.07 23.23
C GLY B 38 -6.91 20.80 22.61
N LYS B 39 -6.43 20.44 21.41
CA LYS B 39 -6.96 19.25 20.74
C LYS B 39 -5.89 18.17 20.57
N SER B 40 -6.30 16.92 20.67
CA SER B 40 -5.40 15.82 20.36
C SER B 40 -5.15 15.87 18.83
N VAL B 41 -4.25 15.04 18.36
CA VAL B 41 -3.95 14.99 16.92
C VAL B 41 -5.22 14.58 16.15
N SER B 42 -5.93 13.55 16.66
CA SER B 42 -7.15 13.07 15.96
C SER B 42 -8.22 14.18 15.93
N GLU B 43 -8.42 14.88 17.05
CA GLU B 43 -9.40 15.98 17.10
C GLU B 43 -9.04 17.14 16.16
N ALA B 44 -7.76 17.47 16.07
CA ALA B 44 -7.30 18.62 15.28
C ALA B 44 -7.48 18.31 13.81
N LEU B 45 -6.96 17.15 13.40
CA LEU B 45 -7.09 16.74 11.99
C LEU B 45 -8.55 16.71 11.57
N PHE B 46 -9.41 16.13 12.39
CA PHE B 46 -10.80 16.03 11.97
C PHE B 46 -11.43 17.44 11.91
N SER B 47 -11.18 18.29 12.93
CA SER B 47 -11.80 19.63 12.98
C SER B 47 -11.43 20.46 11.77
N TYR B 48 -10.15 20.38 11.42
CA TYR B 48 -9.62 21.00 10.21
C TYR B 48 -10.30 20.47 8.95
N ASN B 49 -10.36 19.15 8.79
CA ASN B 49 -11.04 18.57 7.64
C ASN B 49 -12.53 18.99 7.51
N LYS B 50 -13.23 18.99 8.64
CA LYS B 50 -14.64 19.42 8.70
C LYS B 50 -14.80 20.86 8.22
N GLU B 51 -13.90 21.73 8.67
CA GLU B 51 -13.97 23.14 8.31
C GLU B 51 -13.86 23.28 6.80
N ILE B 52 -12.93 22.52 6.21
CA ILE B 52 -12.73 22.53 4.77
C ILE B 52 -13.93 21.93 4.06
N ILE B 53 -14.39 20.76 4.53
CA ILE B 53 -15.55 20.09 3.94
C ILE B 53 -16.77 20.99 3.92
N ASP B 54 -17.08 21.61 5.07
CA ASP B 54 -18.27 22.44 5.20
C ASP B 54 -18.35 23.61 4.24
N GLN B 55 -17.21 24.11 3.81
CA GLN B 55 -17.18 25.22 2.85
C GLN B 55 -16.96 24.82 1.42
N THR B 56 -16.66 23.55 1.16
CA THR B 56 -16.26 23.16 -0.22
C THR B 56 -17.10 22.09 -0.88
N TYR B 57 -18.08 21.58 -0.16
CA TYR B 57 -18.80 20.37 -0.61
C TYR B 57 -19.59 20.56 -1.90
N ASP B 58 -19.97 21.81 -2.19
CA ASP B 58 -20.65 22.10 -3.46
C ASP B 58 -19.71 22.63 -4.57
N VAL B 59 -18.41 22.70 -4.30
CA VAL B 59 -17.45 23.13 -5.34
C VAL B 59 -16.39 22.06 -5.67
N CYS B 60 -16.69 20.81 -5.34
CA CYS B 60 -15.84 19.70 -5.82
C CYS B 60 -16.74 18.49 -5.97
N ALA B 61 -16.29 17.52 -6.76
CA ALA B 61 -17.08 16.31 -7.02
C ALA B 61 -16.90 15.27 -5.90
N ILE B 62 -15.75 15.33 -5.22
CA ILE B 62 -15.25 14.17 -4.41
C ILE B 62 -14.02 14.64 -3.64
N TYR B 63 -13.75 13.94 -2.53
CA TYR B 63 -12.60 14.17 -1.67
C TYR B 63 -11.74 12.95 -1.73
N LYS B 64 -10.43 13.15 -1.81
CA LYS B 64 -9.45 12.07 -1.82
C LYS B 64 -8.58 12.24 -0.56
N LEU B 65 -8.35 11.13 0.15
CA LEU B 65 -7.51 11.18 1.32
C LEU B 65 -6.29 10.30 1.07
N GLN B 66 -5.09 10.90 1.02
CA GLN B 66 -3.85 10.13 0.91
C GLN B 66 -3.61 9.52 2.29
N ILE B 67 -3.88 8.23 2.42
CA ILE B 67 -3.83 7.61 3.75
C ILE B 67 -2.46 7.68 4.44
N ALA B 68 -1.39 7.83 3.66
CA ALA B 68 -0.04 7.95 4.24
C ALA B 68 0.06 9.07 5.25
N TYR B 69 -0.60 10.20 4.99
CA TYR B 69 -0.61 11.32 5.95
C TYR B 69 -1.19 10.90 7.31
N TYR B 70 -2.24 10.11 7.26
CA TYR B 70 -2.92 9.66 8.47
C TYR B 70 -2.12 8.56 9.15
N GLU B 71 -1.62 7.61 8.35
CA GLU B 71 -0.73 6.57 8.90
C GLU B 71 0.49 7.20 9.60
N SER B 72 0.98 8.35 9.09
CA SER B 72 2.15 9.01 9.72
C SER B 72 1.92 9.50 11.16
N TYR B 73 0.66 9.65 11.56
CA TYR B 73 0.30 10.06 12.92
C TYR B 73 -0.17 8.86 13.75
N GLY B 74 0.05 7.66 13.22
CA GLY B 74 -0.26 6.44 14.00
C GLY B 74 -1.74 6.32 14.31
N ILE B 75 -2.07 5.83 15.51
CA ILE B 75 -3.49 5.58 15.89
C ILE B 75 -4.34 6.85 15.81
N GLU B 76 -3.80 7.95 16.32
CA GLU B 76 -4.48 9.23 16.26
C GLU B 76 -4.81 9.59 14.83
N GLY B 77 -3.86 9.39 13.93
CA GLY B 77 -4.13 9.66 12.53
C GLY B 77 -5.22 8.76 11.95
N ILE B 79 -7.70 7.44 13.63
CA ILE B 79 -8.97 7.92 14.19
C ILE B 79 -9.55 9.10 13.38
N ALA B 80 -8.69 10.03 12.97
CA ALA B 80 -9.11 11.20 12.18
C ALA B 80 -9.54 10.75 10.78
N TYR B 81 -8.86 9.73 10.29
CA TYR B 81 -9.18 9.16 9.01
C TYR B 81 -10.61 8.57 9.07
N ARG B 82 -10.82 7.66 10.02
CA ARG B 82 -12.14 7.10 10.29
C ARG B 82 -13.22 8.19 10.39
N ASP B 83 -12.99 9.18 11.25
CA ASP B 83 -13.98 10.21 11.53
C ASP B 83 -14.31 11.07 10.29
N THR B 84 -13.28 11.37 9.49
CA THR B 84 -13.43 12.15 8.26
C THR B 84 -14.28 11.41 7.24
N LEU B 85 -13.97 10.14 7.06
CA LEU B 85 -14.73 9.30 6.11
C LEU B 85 -16.19 9.15 6.54
N SER B 86 -16.42 8.95 7.84
CA SER B 86 -17.77 8.86 8.36
C SER B 86 -18.54 10.17 8.12
N TYR B 87 -17.91 11.31 8.37
CA TYR B 87 -18.55 12.61 8.18
C TYR B 87 -18.94 12.84 6.71
N LEU B 88 -17.99 12.60 5.81
CA LEU B 88 -18.29 12.62 4.39
C LEU B 88 -19.51 11.78 4.00
N ARG B 89 -19.57 10.55 4.49
N ARG B 89 -19.53 10.55 4.51
CA ARG B 89 -20.70 9.67 4.22
CA ARG B 89 -20.60 9.57 4.25
C ARG B 89 -21.99 10.24 4.82
C ARG B 89 -21.96 10.09 4.66
N GLU B 90 -21.94 10.67 6.09
N GLU B 90 -22.05 10.59 5.90
CA GLU B 90 -23.07 11.34 6.77
CA GLU B 90 -23.29 11.16 6.45
C GLU B 90 -23.66 12.46 5.90
C GLU B 90 -23.74 12.41 5.72
N LYS B 91 -22.79 13.21 5.24
CA LYS B 91 -23.15 14.38 4.45
C LYS B 91 -23.47 14.11 3.01
N ASP B 92 -23.60 12.84 2.65
N ASP B 92 -23.59 12.83 2.68
CA ASP B 92 -23.90 12.44 1.27
CA ASP B 92 -23.87 12.36 1.33
C ASP B 92 -22.82 12.87 0.25
C ASP B 92 -22.84 12.86 0.30
N LEU B 93 -21.57 12.83 0.68
CA LEU B 93 -20.44 13.23 -0.18
C LEU B 93 -19.59 11.99 -0.55
N LEU B 94 -18.83 12.08 -1.64
CA LEU B 94 -18.04 10.93 -2.11
C LEU B 94 -16.60 11.01 -1.63
N SER B 95 -16.00 9.85 -1.37
CA SER B 95 -14.58 9.80 -0.97
C SER B 95 -13.77 8.78 -1.78
N ILE B 96 -12.48 9.06 -1.91
CA ILE B 96 -11.52 8.12 -2.45
C ILE B 96 -10.46 7.92 -1.38
N GLY B 97 -10.22 6.65 -1.04
CA GLY B 97 -9.13 6.28 -0.13
C GLY B 97 -7.89 6.06 -0.99
N ASP B 98 -6.94 7.00 -0.95
CA ASP B 98 -5.76 6.86 -1.85
C ASP B 98 -4.74 5.99 -1.11
N VAL B 99 -4.83 4.68 -1.36
CA VAL B 99 -4.12 3.67 -0.58
C VAL B 99 -3.10 2.90 -1.43
N LYS B 100 -3.29 2.98 -2.75
CA LYS B 100 -2.49 2.26 -3.78
C LYS B 100 -2.00 0.88 -3.26
N ARG B 101 -2.95 0.02 -2.87
CA ARG B 101 -2.61 -1.28 -2.27
C ARG B 101 -2.14 -2.25 -3.36
N SER B 102 -1.34 -3.25 -2.99
CA SER B 102 -0.62 -4.07 -3.96
C SER B 102 -0.92 -5.54 -3.89
N ASP B 103 -1.51 -5.99 -2.79
CA ASP B 103 -1.58 -7.43 -2.48
C ASP B 103 -2.56 -8.23 -3.33
N ILE B 104 -2.45 -9.56 -3.25
CA ILE B 104 -3.32 -10.46 -4.03
C ILE B 104 -4.15 -11.32 -3.08
N ALA B 105 -5.13 -12.02 -3.65
CA ALA B 105 -5.81 -13.16 -3.01
C ALA B 105 -6.28 -12.79 -1.62
N ALA B 106 -5.92 -13.58 -0.59
CA ALA B 106 -6.57 -13.35 0.74
C ALA B 106 -6.16 -12.02 1.32
N SER B 107 -4.92 -11.59 1.10
CA SER B 107 -4.52 -10.27 1.64
C SER B 107 -5.24 -9.12 0.93
N ALA B 108 -5.46 -9.26 -0.37
CA ALA B 108 -6.32 -8.30 -1.08
C ALA B 108 -7.77 -8.31 -0.53
N LYS B 109 -8.33 -9.49 -0.20
CA LYS B 109 -9.69 -9.56 0.37
C LYS B 109 -9.71 -8.84 1.71
N TYR B 111 -7.71 -6.24 2.50
CA TYR B 111 -7.71 -4.83 2.14
C TYR B 111 -9.09 -4.36 1.64
N ALA B 112 -9.78 -5.21 0.91
CA ALA B 112 -11.12 -4.84 0.49
C ALA B 112 -12.04 -4.64 1.70
N LYS B 113 -11.95 -5.56 2.67
CA LYS B 113 -12.75 -5.48 3.87
C LYS B 113 -12.39 -4.22 4.64
N ALA B 114 -11.09 -3.94 4.71
CA ALA B 114 -10.55 -2.78 5.45
C ALA B 114 -11.08 -1.47 4.87
N HIS B 115 -11.10 -1.36 3.55
CA HIS B 115 -11.33 -0.06 2.90
C HIS B 115 -12.71 0.12 2.26
N PHE B 116 -13.46 -0.98 2.15
CA PHE B 116 -14.80 -0.88 1.59
C PHE B 116 -15.87 -1.12 2.65
N GLU B 117 -15.44 -1.41 3.89
CA GLU B 117 -16.38 -1.65 5.04
C GLU B 117 -15.80 -1.05 6.31
N GLY B 118 -16.64 -0.92 7.31
CA GLY B 118 -16.18 -0.56 8.65
C GLY B 118 -15.54 0.79 8.82
N ASP B 119 -14.54 0.84 9.70
CA ASP B 119 -13.95 2.10 10.13
C ASP B 119 -13.38 2.92 8.96
N PHE B 120 -12.78 2.24 7.98
CA PHE B 120 -12.08 2.95 6.93
C PHE B 120 -12.81 2.90 5.58
N GLU B 121 -14.12 2.63 5.63
CA GLU B 121 -14.94 2.51 4.40
C GLU B 121 -14.91 3.79 3.57
N THR B 122 -14.59 3.61 2.30
CA THR B 122 -14.61 4.67 1.30
C THR B 122 -15.40 4.21 0.07
N ASP B 123 -15.64 5.12 -0.87
CA ASP B 123 -16.41 4.79 -2.09
C ASP B 123 -15.49 4.25 -3.20
N PHE B 124 -14.25 4.71 -3.25
CA PHE B 124 -13.30 4.28 -4.29
C PHE B 124 -11.96 4.10 -3.62
N ILE B 125 -11.13 3.16 -4.09
CA ILE B 125 -9.71 3.13 -3.66
C ILE B 125 -8.78 3.15 -4.87
N THR B 126 -7.53 3.54 -4.64
CA THR B 126 -6.51 3.34 -5.67
C THR B 126 -5.79 2.01 -5.43
N LEU B 127 -5.36 1.37 -6.53
CA LEU B 127 -4.75 0.06 -6.50
C LEU B 127 -3.55 0.07 -7.41
N ASN B 128 -2.52 -0.69 -7.03
CA ASN B 128 -1.33 -0.88 -7.87
C ASN B 128 -1.42 -2.29 -8.47
N PRO B 129 -1.33 -2.39 -9.80
CA PRO B 129 -1.59 -3.66 -10.49
C PRO B 129 -0.37 -4.58 -10.70
N TYR B 130 0.80 -4.21 -10.16
CA TYR B 130 2.09 -4.89 -10.47
C TYR B 130 1.97 -6.41 -10.39
N GLY B 132 -0.40 -8.36 -10.84
CA GLY B 132 -1.23 -8.95 -11.90
C GLY B 132 -2.73 -8.91 -11.60
N ASP B 134 -4.78 -10.92 -10.29
CA ASP B 134 -5.22 -11.35 -8.96
C ASP B 134 -4.98 -10.29 -7.86
N SER B 135 -4.41 -9.13 -8.22
CA SER B 135 -4.36 -7.95 -7.36
C SER B 135 -5.57 -7.01 -7.57
N ILE B 136 -6.40 -7.33 -8.57
CA ILE B 136 -7.60 -6.54 -8.88
C ILE B 136 -8.85 -7.36 -8.69
N GLU B 137 -8.82 -8.59 -9.20
CA GLU B 137 -9.97 -9.50 -9.09
C GLU B 137 -10.59 -9.65 -7.69
N PRO B 138 -9.80 -9.67 -6.60
CA PRO B 138 -10.51 -9.84 -5.32
C PRO B 138 -11.44 -8.69 -4.90
N TYR B 139 -11.25 -7.51 -5.50
CA TYR B 139 -12.12 -6.37 -5.23
C TYR B 139 -13.42 -6.41 -6.01
N GLU B 140 -13.49 -7.25 -7.05
CA GLU B 140 -14.68 -7.35 -7.89
C GLU B 140 -15.96 -7.74 -7.16
N GLU B 141 -15.83 -8.51 -6.08
CA GLU B 141 -16.97 -8.88 -5.22
C GLU B 141 -17.69 -7.60 -4.83
N TYR B 142 -16.94 -6.54 -4.54
CA TYR B 142 -17.54 -5.26 -4.14
C TYR B 142 -17.98 -4.41 -5.31
N ILE B 143 -17.17 -4.41 -6.36
CA ILE B 143 -17.47 -3.59 -7.52
C ILE B 143 -18.75 -4.08 -8.19
N GLU B 144 -18.92 -5.40 -8.21
CA GLU B 144 -20.10 -6.04 -8.80
C GLU B 144 -21.42 -5.60 -8.13
N LYS B 145 -21.35 -5.24 -6.85
N LYS B 145 -21.35 -5.24 -6.85
CA LYS B 145 -22.54 -4.86 -6.09
CA LYS B 145 -22.52 -4.86 -6.06
C LYS B 145 -23.02 -3.45 -6.44
C LYS B 145 -22.95 -3.42 -6.33
N GLY B 146 -22.17 -2.69 -7.13
CA GLY B 146 -22.57 -1.36 -7.60
C GLY B 146 -22.15 -0.21 -6.70
N ASP B 147 -21.64 -0.48 -5.49
CA ASP B 147 -21.43 0.65 -4.58
C ASP B 147 -19.98 1.14 -4.46
N LYS B 148 -19.03 0.38 -5.01
CA LYS B 148 -17.60 0.67 -4.80
C LYS B 148 -16.88 0.68 -6.12
N GLY B 149 -15.86 1.52 -6.24
CA GLY B 149 -15.07 1.55 -7.46
C GLY B 149 -13.60 1.61 -7.10
N VAL B 150 -12.76 1.55 -8.12
CA VAL B 150 -11.31 1.58 -7.95
C VAL B 150 -10.67 2.44 -9.04
N PHE B 151 -9.49 2.96 -8.77
CA PHE B 151 -8.68 3.63 -9.78
C PHE B 151 -7.33 2.90 -9.80
N VAL B 152 -6.95 2.36 -10.95
CA VAL B 152 -5.77 1.49 -11.03
C VAL B 152 -4.63 2.31 -11.65
N LEU B 153 -3.42 2.25 -11.09
CA LEU B 153 -2.30 3.06 -11.62
C LEU B 153 -2.04 2.69 -13.06
N LEU B 154 -1.87 3.70 -13.93
CA LEU B 154 -1.61 3.45 -15.31
C LEU B 154 -0.27 4.18 -15.61
N ARG B 155 -0.36 5.47 -15.87
CA ARG B 155 0.77 6.26 -16.34
C ARG B 155 0.75 7.55 -15.54
N THR B 156 1.81 7.78 -14.77
CA THR B 156 1.88 8.95 -13.90
C THR B 156 2.96 9.88 -14.45
N SER B 157 2.96 11.14 -14.02
CA SER B 157 3.79 12.14 -14.67
C SER B 157 5.06 12.44 -13.88
N ASN B 158 5.32 11.64 -12.83
CA ASN B 158 6.57 11.76 -12.07
C ASN B 158 7.79 11.27 -12.86
N PRO B 159 9.00 11.73 -12.49
CA PRO B 159 10.25 11.33 -13.18
C PRO B 159 10.45 9.81 -13.16
N GLY B 160 10.04 9.16 -12.07
CA GLY B 160 10.16 7.71 -11.96
C GLY B 160 9.38 6.90 -12.98
N ALA B 161 8.36 7.49 -13.61
CA ALA B 161 7.55 6.80 -14.63
C ALA B 161 8.46 6.34 -15.78
N LYS B 162 9.54 7.08 -16.01
CA LYS B 162 10.50 6.72 -17.06
C LYS B 162 11.27 5.44 -16.80
N ASP B 163 11.30 5.02 -15.54
CA ASP B 163 12.04 3.82 -15.16
C ASP B 163 11.39 2.53 -15.65
N PHE B 164 10.09 2.37 -15.36
CA PHE B 164 9.40 1.08 -15.60
C PHE B 164 8.10 1.18 -16.42
N GLU B 165 7.25 2.16 -16.09
CA GLU B 165 5.92 2.34 -16.72
C GLU B 165 6.03 2.42 -18.24
N VAL B 166 7.08 3.09 -18.71
CA VAL B 166 7.17 3.33 -20.14
C VAL B 166 8.00 2.32 -20.95
N LEU B 167 8.53 1.28 -20.30
CA LEU B 167 9.40 0.31 -20.98
C LEU B 167 8.64 -0.39 -22.14
N PRO B 168 9.31 -0.57 -23.29
CA PRO B 168 8.65 -1.14 -24.45
C PRO B 168 8.31 -2.61 -24.25
N VAL B 169 7.06 -2.95 -24.50
CA VAL B 169 6.61 -4.33 -24.59
C VAL B 169 5.78 -4.39 -25.86
N ASP B 170 6.17 -5.28 -26.79
CA ASP B 170 5.53 -5.41 -28.09
C ASP B 170 5.38 -4.06 -28.79
N GLY B 171 6.39 -3.20 -28.65
CA GLY B 171 6.46 -1.98 -29.42
C GLY B 171 5.65 -0.79 -28.93
N GLU B 172 5.17 -0.86 -27.68
CA GLU B 172 4.60 0.33 -27.05
C GLU B 172 4.76 0.20 -25.54
N GLU B 173 4.46 1.28 -24.83
CA GLU B 173 4.76 1.33 -23.40
C GLU B 173 4.08 0.21 -22.61
N PHE B 174 4.83 -0.30 -21.66
CA PHE B 174 4.38 -1.32 -20.69
C PHE B 174 3.02 -0.99 -20.11
N PHE B 175 2.76 0.27 -19.78
CA PHE B 175 1.51 0.60 -19.09
C PHE B 175 0.25 0.33 -19.89
N TYR B 176 0.38 0.28 -21.22
CA TYR B 176 -0.75 -0.06 -22.10
C TYR B 176 -1.21 -1.52 -21.89
N LYS B 177 -0.29 -2.39 -21.48
CA LYS B 177 -0.69 -3.77 -21.16
C LYS B 177 -1.63 -3.78 -19.97
N VAL B 178 -1.30 -2.93 -19.01
CA VAL B 178 -2.10 -2.76 -17.81
C VAL B 178 -3.45 -2.15 -18.16
N GLY B 179 -3.44 -1.00 -18.85
CA GLY B 179 -4.68 -0.31 -19.18
C GLY B 179 -5.60 -1.20 -20.03
N ASP B 180 -5.04 -1.93 -20.98
CA ASP B 180 -5.88 -2.80 -21.81
C ASP B 180 -6.59 -3.87 -20.99
N LYS B 181 -5.90 -4.44 -20.03
CA LYS B 181 -6.53 -5.42 -19.15
C LYS B 181 -7.64 -4.81 -18.30
N ARG B 183 -9.39 -2.13 -19.07
CA ARG B 183 -10.46 -1.77 -20.02
C ARG B 183 -11.44 -2.92 -20.18
N GLU B 184 -10.89 -4.12 -20.35
CA GLU B 184 -11.71 -5.31 -20.60
C GLU B 184 -12.55 -5.66 -19.36
N LEU B 185 -11.95 -5.54 -18.17
CA LEU B 185 -12.67 -5.79 -16.91
C LEU B 185 -13.77 -4.74 -16.67
N ASN B 186 -13.44 -3.48 -16.94
CA ASN B 186 -14.40 -2.39 -16.87
C ASN B 186 -15.69 -2.62 -17.67
N GLU B 187 -15.55 -3.20 -18.87
N GLU B 187 -15.55 -3.21 -18.86
CA GLU B 187 -16.69 -3.41 -19.76
CA GLU B 187 -16.70 -3.41 -19.77
C GLU B 187 -17.81 -4.19 -19.06
C GLU B 187 -17.76 -4.33 -19.19
N LYS B 188 -17.43 -5.04 -18.11
CA LYS B 188 -18.41 -5.88 -17.41
C LYS B 188 -19.41 -5.09 -16.57
N TYR B 189 -19.09 -3.84 -16.29
CA TYR B 189 -19.82 -3.09 -15.26
C TYR B 189 -20.19 -1.66 -15.68
N ILE B 190 -20.36 -1.43 -16.98
CA ILE B 190 -20.67 -0.06 -17.49
C ILE B 190 -21.98 0.46 -16.90
N GLY B 191 -21.95 1.71 -16.45
CA GLY B 191 -23.11 2.32 -15.82
C GLY B 191 -23.98 3.05 -16.83
N LYS B 192 -25.01 3.73 -16.34
CA LYS B 192 -25.92 4.48 -17.22
C LYS B 192 -25.22 5.65 -17.89
N SER B 193 -24.15 6.14 -17.26
CA SER B 193 -23.37 7.28 -17.75
C SER B 193 -22.47 6.96 -18.95
N GLY B 194 -22.31 5.68 -19.28
CA GLY B 194 -21.34 5.32 -20.28
C GLY B 194 -19.95 5.03 -19.74
N PHE B 195 -19.76 5.21 -18.42
CA PHE B 195 -18.50 4.86 -17.74
C PHE B 195 -18.71 3.69 -16.81
N GLY B 196 -17.61 2.98 -16.53
CA GLY B 196 -17.64 1.89 -15.55
C GLY B 196 -16.81 2.27 -14.33
N PRO B 197 -16.92 1.47 -13.23
CA PRO B 197 -16.27 1.73 -11.94
C PRO B 197 -14.81 1.30 -11.87
N ILE B 198 -14.22 0.80 -12.96
CA ILE B 198 -12.79 0.49 -12.95
C ILE B 198 -12.03 1.58 -13.70
N GLY B 199 -11.51 2.53 -12.94
CA GLY B 199 -10.88 3.69 -13.56
C GLY B 199 -9.37 3.55 -13.54
N LEU B 200 -8.71 4.61 -13.99
CA LEU B 200 -7.26 4.64 -14.05
C LEU B 200 -6.71 5.89 -13.38
N VAL B 201 -5.52 5.77 -12.82
CA VAL B 201 -4.75 6.94 -12.41
C VAL B 201 -3.86 7.36 -13.56
N VAL B 202 -4.07 8.59 -14.02
CA VAL B 202 -3.43 9.15 -15.21
C VAL B 202 -2.93 10.58 -14.91
N GLY B 203 -1.62 10.76 -15.06
CA GLY B 203 -1.00 12.06 -14.85
C GLY B 203 -1.01 12.84 -16.17
N ALA B 204 -0.91 14.17 -16.07
CA ALA B 204 -0.83 15.02 -17.27
C ALA B 204 0.60 15.11 -17.73
N THR B 205 0.92 14.31 -18.75
CA THR B 205 2.31 14.20 -19.22
C THR B 205 2.63 15.21 -20.34
N HIS B 206 2.29 14.88 -21.56
CA HIS B 206 2.41 15.82 -22.68
C HIS B 206 1.24 15.60 -23.62
N SER B 207 0.91 16.63 -24.39
CA SER B 207 -0.27 16.66 -25.26
C SER B 207 -0.67 15.40 -26.05
N GLU B 208 0.25 14.92 -26.90
CA GLU B 208 0.03 13.76 -27.76
C GLU B 208 -0.38 12.51 -26.97
N GLU B 209 0.31 12.31 -25.85
CA GLU B 209 0.10 11.15 -24.98
C GLU B 209 -1.23 11.26 -24.21
N VAL B 210 -1.52 12.42 -23.62
CA VAL B 210 -2.79 12.55 -22.89
C VAL B 210 -3.96 12.33 -23.88
N GLU B 211 -3.85 12.86 -25.11
CA GLU B 211 -4.93 12.60 -26.08
C GLU B 211 -5.13 11.13 -26.42
N LYS B 212 -4.02 10.44 -26.60
CA LYS B 212 -4.01 9.02 -26.98
C LYS B 212 -4.63 8.18 -25.88
N ILE B 213 -4.22 8.46 -24.63
CA ILE B 213 -4.75 7.70 -23.46
C ILE B 213 -6.25 7.98 -23.29
N ARG B 214 -6.67 9.24 -23.44
CA ARG B 214 -8.08 9.59 -23.24
C ARG B 214 -8.98 8.87 -24.24
N LYS B 215 -8.50 8.75 -25.48
CA LYS B 215 -9.24 8.08 -26.55
C LYS B 215 -9.25 6.57 -26.41
N ARG B 216 -8.12 5.99 -25.99
CA ARG B 216 -8.01 4.52 -25.87
C ARG B 216 -8.90 3.98 -24.76
N TYR B 217 -9.04 4.76 -23.68
CA TYR B 217 -9.78 4.35 -22.50
C TYR B 217 -10.96 5.28 -22.29
N ASP B 218 -11.86 5.35 -23.27
CA ASP B 218 -12.92 6.39 -23.25
C ASP B 218 -14.10 6.09 -22.31
N LYS B 219 -14.19 4.86 -21.80
CA LYS B 219 -15.27 4.49 -20.88
C LYS B 219 -14.81 4.32 -19.43
N PHE B 221 -13.15 6.30 -15.97
CA PHE B 221 -12.97 7.57 -15.32
C PHE B 221 -11.49 7.70 -14.92
N PHE B 222 -10.92 8.89 -15.07
CA PHE B 222 -9.53 9.12 -14.72
C PHE B 222 -9.41 9.84 -13.40
N LEU B 223 -8.53 9.38 -12.54
CA LEU B 223 -8.08 10.19 -11.39
C LEU B 223 -6.72 10.80 -11.77
N ILE B 224 -6.68 12.13 -11.79
CA ILE B 224 -5.49 12.89 -12.18
C ILE B 224 -4.82 13.38 -10.86
N PRO B 225 -3.62 12.86 -10.52
CA PRO B 225 -3.16 13.07 -9.13
C PRO B 225 -2.83 14.52 -8.75
N GLY B 226 -2.56 15.36 -9.74
CA GLY B 226 -2.26 16.75 -9.51
C GLY B 226 -1.79 17.38 -10.82
N PHE B 227 -1.39 18.65 -10.77
CA PHE B 227 -0.82 19.32 -11.96
C PHE B 227 0.04 20.50 -11.55
N GLY B 228 1.01 20.84 -12.39
CA GLY B 228 1.95 21.93 -12.08
C GLY B 228 1.37 23.31 -12.39
N ALA B 229 2.19 24.33 -12.30
CA ALA B 229 1.69 25.72 -12.39
C ALA B 229 1.86 26.37 -13.75
N GLN B 230 2.40 25.65 -14.72
CA GLN B 230 2.65 26.25 -16.03
C GLN B 230 1.44 26.11 -16.96
N LYS B 231 1.41 26.93 -18.02
CA LYS B 231 0.27 26.92 -18.98
C LYS B 231 -0.04 25.55 -19.60
N ALA B 232 1.03 24.85 -20.02
CA ALA B 232 0.91 23.55 -20.63
C ALA B 232 0.31 22.54 -19.68
N ASP B 233 0.54 22.72 -18.37
CA ASP B 233 0.05 21.76 -17.36
C ASP B 233 -1.48 21.77 -17.31
N SER B 234 -2.08 22.95 -17.27
CA SER B 234 -3.56 23.01 -17.19
C SER B 234 -4.21 22.50 -18.47
N ASN B 236 -2.93 20.14 -20.60
CA ASN B 236 -2.83 18.68 -20.58
C ASN B 236 -3.87 18.02 -19.67
N VAL B 237 -4.18 18.64 -18.54
CA VAL B 237 -5.23 18.11 -17.67
C VAL B 237 -6.59 18.21 -18.36
N TYR B 238 -6.85 19.37 -18.97
CA TYR B 238 -8.09 19.59 -19.71
C TYR B 238 -8.28 18.50 -20.79
N LYS B 239 -7.18 18.12 -21.45
CA LYS B 239 -7.22 17.08 -22.50
C LYS B 239 -7.54 15.67 -21.97
N LEU B 240 -7.45 15.47 -20.66
CA LEU B 240 -7.81 14.20 -20.02
C LEU B 240 -9.28 14.13 -19.64
N LEU B 241 -10.03 15.22 -19.88
CA LEU B 241 -11.47 15.22 -19.67
C LEU B 241 -12.26 15.00 -20.97
N GLU B 242 -13.49 14.51 -20.86
N GLU B 242 -13.46 14.46 -20.86
CA GLU B 242 -14.40 14.35 -21.99
CA GLU B 242 -14.43 14.41 -21.96
C GLU B 242 -15.70 15.13 -21.68
C GLU B 242 -15.66 15.20 -21.59
N GLY B 243 -15.87 16.29 -22.30
CA GLY B 243 -17.04 17.18 -22.04
C GLY B 243 -17.08 17.64 -20.58
N LEU B 244 -15.90 18.00 -20.06
CA LEU B 244 -15.69 18.43 -18.64
C LEU B 244 -16.05 17.34 -17.63
N ASN B 245 -16.03 16.09 -18.07
CA ASN B 245 -16.33 14.98 -17.18
C ASN B 245 -15.41 13.83 -17.53
N GLY B 246 -15.66 12.65 -16.98
CA GLY B 246 -14.83 11.49 -17.28
C GLY B 246 -13.50 11.46 -16.50
N GLY B 247 -13.37 12.37 -15.55
CA GLY B 247 -12.15 12.47 -14.75
C GLY B 247 -12.40 13.45 -13.61
N VAL B 248 -11.60 13.29 -12.58
CA VAL B 248 -11.45 14.31 -11.54
C VAL B 248 -9.97 14.67 -11.39
N VAL B 249 -9.72 15.94 -11.11
CA VAL B 249 -8.38 16.46 -10.92
C VAL B 249 -8.14 16.82 -9.46
N ASN B 250 -7.16 16.16 -8.82
CA ASN B 250 -6.87 16.35 -7.40
C ASN B 250 -6.08 17.62 -7.16
N SER B 251 -6.42 18.35 -6.12
CA SER B 251 -5.54 19.42 -5.67
C SER B 251 -5.52 19.28 -4.16
N SER B 252 -4.32 19.11 -3.58
CA SER B 252 -4.18 18.95 -2.14
C SER B 252 -3.64 20.20 -1.42
N ARG B 253 -2.33 20.39 -1.41
CA ARG B 253 -1.73 21.48 -0.61
C ARG B 253 -2.16 22.89 -0.93
N ALA B 254 -2.38 23.19 -2.20
CA ALA B 254 -2.81 24.53 -2.58
C ALA B 254 -4.13 24.92 -1.90
N ILE B 255 -5.03 23.96 -1.76
CA ILE B 255 -6.32 24.17 -1.14
C ILE B 255 -6.16 24.21 0.39
N LEU B 256 -5.44 23.24 0.93
CA LEU B 256 -5.27 23.07 2.38
C LEU B 256 -4.52 24.22 3.03
N LYS B 257 -3.60 24.83 2.27
CA LYS B 257 -2.70 25.85 2.82
C LYS B 257 -3.02 27.25 2.30
N ASN B 258 -4.10 27.37 1.51
CA ASN B 258 -4.41 28.70 0.95
C ASN B 258 -4.61 29.79 2.02
N TRP B 259 -5.20 29.40 3.15
CA TRP B 259 -5.37 30.36 4.26
C TRP B 259 -4.07 31.05 4.66
N GLN B 260 -2.95 30.36 4.48
CA GLN B 260 -1.65 30.90 4.87
C GLN B 260 -1.24 32.15 4.11
N ASN B 261 -1.91 32.44 2.99
CA ASN B 261 -1.53 33.56 2.13
C ASN B 261 -2.29 34.88 2.41
N TYR B 262 -3.17 34.86 3.41
CA TYR B 262 -4.01 36.01 3.70
C TYR B 262 -3.89 36.41 5.16
N GLU B 263 -3.91 37.72 5.44
CA GLU B 263 -3.75 38.21 6.82
C GLU B 263 -4.85 37.65 7.73
N ASP B 264 -6.05 37.49 7.18
CA ASP B 264 -7.15 36.96 7.98
C ASP B 264 -7.37 35.46 7.80
N GLY B 265 -6.37 34.78 7.24
CA GLY B 265 -6.48 33.32 6.96
C GLY B 265 -6.82 32.41 8.12
N SER B 266 -6.34 32.76 9.32
CA SER B 266 -6.42 31.85 10.45
C SER B 266 -7.84 31.48 10.86
N GLU B 267 -8.78 32.41 10.65
CA GLU B 267 -10.18 32.16 11.03
C GLU B 267 -11.05 31.87 9.82
N LYS B 268 -10.39 31.71 8.66
CA LYS B 268 -11.09 31.54 7.41
C LYS B 268 -10.49 30.39 6.58
N VAL B 269 -10.12 29.29 7.24
CA VAL B 269 -9.48 28.17 6.52
C VAL B 269 -10.41 27.62 5.40
N GLY B 270 -11.65 27.37 5.76
CA GLY B 270 -12.60 26.81 4.78
C GLY B 270 -12.88 27.77 3.64
N TYR B 271 -12.99 29.05 3.99
CA TYR B 271 -13.29 30.11 3.02
C TYR B 271 -12.20 30.16 1.94
N TYR B 272 -10.93 30.10 2.36
CA TYR B 272 -9.82 30.18 1.42
C TYR B 272 -9.60 28.85 0.69
N ALA B 273 -10.01 27.74 1.30
CA ALA B 273 -9.98 26.42 0.61
C ALA B 273 -11.01 26.50 -0.52
N ARG B 274 -12.17 27.03 -0.18
CA ARG B 274 -13.24 27.21 -1.21
C ARG B 274 -12.78 28.10 -2.35
N LYS B 275 -12.13 29.22 -2.03
CA LYS B 275 -11.61 30.13 -3.04
C LYS B 275 -10.71 29.39 -4.02
N LYS B 276 -9.79 28.59 -3.47
CA LYS B 276 -8.83 27.87 -4.29
C LYS B 276 -9.46 26.74 -5.10
N ALA B 277 -10.40 26.03 -4.50
CA ALA B 277 -11.13 24.96 -5.24
C ALA B 277 -11.80 25.52 -6.50
N ILE B 278 -12.40 26.69 -6.36
CA ILE B 278 -13.11 27.38 -7.47
C ILE B 278 -12.07 27.81 -8.53
N GLU B 279 -10.99 28.43 -8.07
N GLU B 279 -10.98 28.44 -8.07
CA GLU B 279 -9.91 28.85 -8.96
CA GLU B 279 -9.88 28.83 -8.96
C GLU B 279 -9.29 27.65 -9.72
C GLU B 279 -9.30 27.65 -9.74
N THR B 280 -9.25 26.49 -9.09
CA THR B 280 -8.70 25.29 -9.73
C THR B 280 -9.57 24.87 -10.94
N TYR B 281 -10.87 24.78 -10.73
CA TYR B 281 -11.81 24.50 -11.82
C TYR B 281 -11.62 25.53 -12.94
N GLU B 282 -11.58 26.82 -12.58
CA GLU B 282 -11.42 27.90 -13.58
C GLU B 282 -10.14 27.78 -14.44
N GLU B 283 -9.01 27.43 -13.81
CA GLU B 283 -7.71 27.30 -14.49
C GLU B 283 -7.75 26.24 -15.57
N ILE B 284 -8.40 25.14 -15.26
CA ILE B 284 -8.53 24.04 -16.19
C ILE B 284 -9.53 24.35 -17.29
N LYS B 285 -10.71 24.80 -16.90
CA LYS B 285 -11.79 25.11 -17.84
C LYS B 285 -11.44 26.27 -18.80
N ALA B 286 -10.55 27.17 -18.38
CA ALA B 286 -10.06 28.25 -19.27
C ALA B 286 -9.47 27.74 -20.59
N ASN B 287 -9.03 26.49 -20.61
CA ASN B 287 -8.49 25.86 -21.84
C ASN B 287 -9.51 25.41 -22.90
N GLU B 288 -10.78 25.32 -22.51
CA GLU B 288 -11.85 24.97 -23.43
C GLU B 288 -11.99 26.05 -24.51
N VAL B 289 -12.01 25.65 -25.79
CA VAL B 289 -12.21 26.62 -26.88
C VAL B 289 -13.68 26.85 -27.23
#